data_3AYR
#
_entry.id   3AYR
#
_cell.length_a   83.396
_cell.length_b   83.396
_cell.length_c   225.085
_cell.angle_alpha   90.00
_cell.angle_beta   90.00
_cell.angle_gamma   120.00
#
_symmetry.space_group_name_H-M   'P 61 2 2'
#
loop_
_entity.id
_entity.type
_entity.pdbx_description
1 polymer Endoglucanase
2 water water
#
_entity_poly.entity_id   1
_entity_poly.type   'polypeptide(L)'
_entity_poly.pdbx_seq_one_letter_code
;MAHHHHHHVDDDDKIRDISSKELIKEMNFGWNLGNTMDAQCIEYLNYEKDQTASETCWGNPKTTEDMFKVLIDNQFNVFR
IPTTWSGHFGEAPDYKIDEKWLKRVHEVVDYPYKNGAFVILNLHHETWNHAFSETLDTAKEILEKIWSQIAEEFKDYDEH
LIFEGLNEPRKNDTPVEWTGGDQEGWDAVNAMNAVFLKTVRSAGGNNPKRHLMIPPYAAACNENSFNNFIFPEDDDKVIA
SVHAYAPYNFALNNGEGAVDKFDAAGKRDLEWNINLMKKRFVDQGIPMILGEYGAMNRDNEEDRATWAEFYMEKVTAMGV
PQIWWDNGVFEGTGERFGLLDRKNLKIVYPTIVAALQKGRGLEVNVVHAIEKETEE
;
_entity_poly.pdbx_strand_id   A
#
# COMPACT_ATOMS: atom_id res chain seq x y z
N HIS A 7 11.43 31.26 5.06
CA HIS A 7 10.06 30.74 4.88
C HIS A 7 9.14 31.67 4.07
N HIS A 8 9.32 32.99 4.25
CA HIS A 8 8.23 33.96 4.10
C HIS A 8 7.63 34.01 2.71
N VAL A 9 8.47 33.87 1.69
CA VAL A 9 8.18 34.24 0.32
C VAL A 9 7.79 32.97 -0.46
N ASP A 10 7.67 31.85 0.24
CA ASP A 10 7.44 30.53 -0.39
C ASP A 10 6.07 30.30 -0.99
N ASP A 11 6.06 29.59 -2.10
CA ASP A 11 4.84 29.35 -2.83
C ASP A 11 4.05 28.24 -2.09
N ASP A 12 2.73 28.27 -2.27
CA ASP A 12 1.71 27.36 -1.64
C ASP A 12 1.65 25.99 -2.33
N ASP A 13 2.11 26.01 -3.58
CA ASP A 13 2.32 24.88 -4.50
C ASP A 13 3.64 24.12 -4.27
N LYS A 14 4.55 24.63 -3.45
CA LYS A 14 5.94 24.19 -3.56
C LYS A 14 6.09 22.81 -2.95
N ILE A 15 6.89 21.95 -3.57
CA ILE A 15 7.13 20.66 -2.92
C ILE A 15 8.42 20.72 -2.11
N ARG A 16 8.44 20.24 -0.87
CA ARG A 16 9.68 20.29 -0.11
C ARG A 16 10.71 19.35 -0.74
N ASP A 17 11.94 19.83 -0.85
CA ASP A 17 13.07 18.98 -1.23
C ASP A 17 13.59 18.26 0.00
N ILE A 18 13.10 17.05 0.31
CA ILE A 18 13.46 16.45 1.60
C ILE A 18 13.66 14.97 1.29
N SER A 19 14.53 14.32 2.07
CA SER A 19 14.80 12.91 1.79
C SER A 19 13.68 12.00 2.31
N SER A 20 13.56 10.80 1.74
CA SER A 20 12.46 9.92 2.13
C SER A 20 12.74 9.50 3.58
N LYS A 21 14.02 9.35 3.98
CA LYS A 21 14.35 8.91 5.36
C LYS A 21 13.84 9.93 6.39
N GLU A 22 13.98 11.20 6.04
CA GLU A 22 13.48 12.29 6.90
C GLU A 22 11.97 12.46 6.85
N LEU A 23 11.44 12.53 5.64
CA LEU A 23 9.99 12.53 5.44
C LEU A 23 9.25 11.44 6.21
N ILE A 24 9.74 10.20 6.20
CA ILE A 24 8.91 9.16 6.83
C ILE A 24 8.90 9.33 8.36
N LYS A 25 9.72 10.21 8.93
CA LYS A 25 9.64 10.49 10.37
C LYS A 25 8.34 11.25 10.69
N GLU A 26 7.75 11.83 9.64
CA GLU A 26 6.46 12.47 9.80
C GLU A 26 5.28 11.47 9.78
N MET A 27 5.50 10.20 9.44
CA MET A 27 4.41 9.23 9.38
C MET A 27 4.21 8.50 10.70
N ASN A 28 2.96 8.46 11.17
CA ASN A 28 2.60 7.79 12.41
C ASN A 28 2.41 6.31 12.00
N PHE A 29 1.25 6.04 11.39
CA PHE A 29 0.98 4.69 10.86
C PHE A 29 -0.18 4.89 9.93
N GLY A 30 -0.51 3.85 9.13
CA GLY A 30 -1.41 4.06 8.00
C GLY A 30 -2.52 3.09 7.80
N TRP A 31 -3.41 3.42 6.85
CA TRP A 31 -4.57 2.61 6.56
C TRP A 31 -4.73 2.59 5.04
N ASN A 32 -5.06 1.41 4.53
CA ASN A 32 -5.40 1.20 3.13
C ASN A 32 -6.92 1.22 2.96
N LEU A 33 -7.35 1.90 1.91
CA LEU A 33 -8.75 1.85 1.41
C LEU A 33 -8.85 0.56 0.58
N GLY A 34 -8.87 -0.62 1.25
CA GLY A 34 -8.79 -1.82 0.41
C GLY A 34 -10.11 -2.28 -0.14
N ASN A 35 -10.06 -3.15 -1.15
CA ASN A 35 -11.29 -3.60 -1.82
C ASN A 35 -12.24 -2.47 -2.32
N THR A 36 -11.63 -1.41 -2.85
CA THR A 36 -12.42 -0.20 -3.28
C THR A 36 -11.87 0.19 -4.65
N MET A 37 -10.92 1.12 -4.72
CA MET A 37 -10.47 1.53 -6.05
C MET A 37 -9.69 0.41 -6.70
N ASP A 38 -9.32 -0.58 -5.91
CA ASP A 38 -8.62 -1.77 -6.41
C ASP A 38 -9.59 -2.85 -6.86
N ALA A 39 -10.86 -2.74 -6.44
CA ALA A 39 -11.84 -3.76 -6.80
C ALA A 39 -11.92 -3.97 -8.33
N GLN A 40 -11.89 -5.22 -8.77
CA GLN A 40 -11.77 -5.46 -10.20
C GLN A 40 -12.90 -6.35 -10.60
N CYS A 41 -13.87 -5.85 -11.40
CA CYS A 41 -15.03 -6.63 -11.80
C CYS A 41 -15.23 -6.45 -13.31
N ILE A 42 -14.16 -6.52 -14.07
CA ILE A 42 -14.24 -6.24 -15.50
C ILE A 42 -15.37 -7.09 -16.10
N GLU A 43 -15.43 -8.38 -15.76
CA GLU A 43 -16.37 -9.30 -16.41
C GLU A 43 -17.84 -9.13 -15.98
N TYR A 44 -18.05 -9.00 -14.68
CA TYR A 44 -19.36 -8.89 -14.08
C TYR A 44 -20.01 -7.57 -14.53
N LEU A 45 -19.27 -6.45 -14.47
CA LEU A 45 -19.84 -5.10 -14.77
C LEU A 45 -19.66 -4.77 -16.25
N ASN A 46 -19.79 -3.51 -16.66
CA ASN A 46 -19.52 -3.15 -18.04
C ASN A 46 -18.90 -1.79 -17.97
N TYR A 47 -17.58 -1.75 -17.85
CA TYR A 47 -16.89 -0.51 -17.50
C TYR A 47 -17.16 0.57 -18.54
N GLU A 48 -17.24 0.17 -19.81
CA GLU A 48 -17.58 1.13 -20.90
C GLU A 48 -18.87 1.85 -20.60
N LYS A 49 -19.80 1.20 -19.92
CA LYS A 49 -21.05 1.86 -19.59
C LYS A 49 -21.09 2.59 -18.25
N ASP A 50 -20.14 2.29 -17.38
CA ASP A 50 -19.92 3.04 -16.15
C ASP A 50 -18.51 2.76 -15.62
N GLN A 51 -17.61 3.64 -16.00
CA GLN A 51 -16.21 3.58 -15.64
C GLN A 51 -15.89 3.80 -14.17
N THR A 52 -16.82 4.11 -13.28
CA THR A 52 -16.43 4.22 -11.88
C THR A 52 -17.25 3.28 -10.98
N ALA A 53 -18.17 2.52 -11.56
CA ALA A 53 -18.89 1.51 -10.76
C ALA A 53 -17.99 0.41 -10.09
N SER A 54 -16.78 0.14 -10.60
CA SER A 54 -15.90 -0.87 -9.94
C SER A 54 -15.65 -0.56 -8.44
N GLU A 55 -15.80 0.70 -8.03
CA GLU A 55 -15.36 1.18 -6.72
C GLU A 55 -16.16 0.48 -5.67
N THR A 56 -17.47 0.30 -5.91
CA THR A 56 -18.30 -0.31 -4.93
C THR A 56 -18.67 -1.77 -5.27
N CYS A 57 -18.04 -2.36 -6.28
CA CYS A 57 -18.36 -3.69 -6.72
C CYS A 57 -17.94 -4.81 -5.80
N TRP A 58 -16.95 -4.59 -4.94
CA TRP A 58 -16.71 -5.56 -3.87
C TRP A 58 -17.42 -5.22 -2.57
N GLY A 59 -18.43 -4.37 -2.61
CA GLY A 59 -19.31 -4.26 -1.44
C GLY A 59 -19.02 -3.12 -0.49
N ASN A 60 -17.93 -2.37 -0.72
CA ASN A 60 -17.70 -1.19 0.06
C ASN A 60 -18.59 -0.03 -0.44
N PRO A 61 -19.00 0.85 0.48
CA PRO A 61 -19.69 2.07 0.05
C PRO A 61 -18.79 3.04 -0.72
N LYS A 62 -19.39 4.00 -1.43
CA LYS A 62 -18.59 4.97 -2.17
C LYS A 62 -17.84 5.79 -1.13
N THR A 63 -16.54 5.93 -1.37
CA THR A 63 -15.63 6.57 -0.43
C THR A 63 -16.01 8.04 -0.23
N THR A 64 -15.94 8.47 1.03
CA THR A 64 -16.28 9.86 1.39
C THR A 64 -15.10 10.48 2.13
N GLU A 65 -15.09 11.81 2.28
CA GLU A 65 -14.03 12.50 3.04
C GLU A 65 -14.18 12.18 4.51
N ASP A 66 -15.41 12.01 5.02
CA ASP A 66 -15.56 11.76 6.47
C ASP A 66 -14.98 10.42 6.92
N MET A 67 -14.89 9.48 5.98
CA MET A 67 -14.20 8.22 6.38
C MET A 67 -12.73 8.50 6.74
N PHE A 68 -12.03 9.28 5.92
CA PHE A 68 -10.64 9.63 6.30
C PHE A 68 -10.54 10.47 7.58
N LYS A 69 -11.55 11.35 7.81
CA LYS A 69 -11.47 12.28 8.95
C LYS A 69 -11.54 11.50 10.23
N VAL A 70 -12.36 10.45 10.27
CA VAL A 70 -12.44 9.54 11.45
C VAL A 70 -11.07 8.95 11.74
N LEU A 71 -10.34 8.63 10.68
CA LEU A 71 -9.07 7.87 10.86
C LEU A 71 -8.04 8.89 11.32
N ILE A 72 -8.08 10.08 10.70
CA ILE A 72 -7.19 11.16 11.16
C ILE A 72 -7.41 11.48 12.64
N ASP A 73 -8.67 11.62 13.05
CA ASP A 73 -8.96 11.79 14.49
C ASP A 73 -8.25 10.76 15.40
N ASN A 74 -7.99 9.58 14.84
CA ASN A 74 -7.25 8.53 15.56
C ASN A 74 -5.76 8.45 15.31
N GLN A 75 -5.27 9.49 14.63
CA GLN A 75 -3.86 9.73 14.39
C GLN A 75 -3.23 8.90 13.26
N PHE A 76 -4.04 8.21 12.44
CA PHE A 76 -3.54 7.68 11.17
C PHE A 76 -3.20 8.89 10.33
N ASN A 77 -2.07 8.86 9.62
CA ASN A 77 -1.75 10.04 8.73
C ASN A 77 -1.10 9.57 7.43
N VAL A 78 -1.19 8.29 7.09
CA VAL A 78 -0.76 7.92 5.76
C VAL A 78 -1.90 7.00 5.28
N PHE A 79 -2.33 7.25 4.05
CA PHE A 79 -3.47 6.53 3.49
C PHE A 79 -3.05 5.99 2.16
N ARG A 80 -3.10 4.65 2.03
CA ARG A 80 -2.75 4.07 0.76
C ARG A 80 -4.04 3.84 0.00
N ILE A 81 -4.03 4.16 -1.29
CA ILE A 81 -5.28 4.03 -2.07
C ILE A 81 -4.98 3.03 -3.16
N PRO A 82 -5.09 1.72 -2.83
CA PRO A 82 -4.76 0.74 -3.86
C PRO A 82 -5.74 0.89 -5.02
N THR A 83 -5.24 0.89 -6.26
CA THR A 83 -6.04 1.31 -7.40
C THR A 83 -5.73 0.41 -8.58
N THR A 84 -6.78 -0.25 -9.08
CA THR A 84 -6.57 -1.12 -10.20
C THR A 84 -7.03 -0.37 -11.41
N TRP A 85 -6.11 -0.19 -12.34
CA TRP A 85 -6.35 0.59 -13.57
C TRP A 85 -6.91 -0.31 -14.69
N SER A 86 -6.55 -1.60 -14.69
CA SER A 86 -6.94 -2.55 -15.71
C SER A 86 -8.45 -2.54 -15.93
N GLY A 87 -8.91 -2.50 -17.19
CA GLY A 87 -10.33 -2.32 -17.49
C GLY A 87 -10.73 -0.85 -17.70
N HIS A 88 -9.98 0.12 -17.14
CA HIS A 88 -10.30 1.57 -17.26
C HIS A 88 -9.46 2.34 -18.26
N PHE A 89 -8.69 1.64 -19.08
CA PHE A 89 -7.80 2.32 -20.05
C PHE A 89 -7.90 1.64 -21.42
N GLY A 90 -7.56 2.37 -22.48
CA GLY A 90 -7.83 1.97 -23.88
C GLY A 90 -6.70 1.15 -24.47
N GLU A 91 -6.70 0.95 -25.79
CA GLU A 91 -5.66 0.17 -26.49
C GLU A 91 -4.32 0.88 -26.76
N ALA A 92 -3.38 0.08 -27.25
CA ALA A 92 -2.12 0.53 -27.79
C ALA A 92 -2.35 1.53 -28.94
N PRO A 93 -1.40 2.44 -29.17
CA PRO A 93 -0.18 2.60 -28.38
C PRO A 93 -0.34 3.59 -27.23
N ASP A 94 -1.50 4.24 -27.12
CA ASP A 94 -1.68 5.26 -26.07
C ASP A 94 -2.16 4.75 -24.70
N TYR A 95 -2.90 3.63 -24.69
CA TYR A 95 -3.42 3.09 -23.44
C TYR A 95 -4.04 4.19 -22.58
N LYS A 96 -4.95 4.96 -23.16
CA LYS A 96 -5.46 6.19 -22.54
C LYS A 96 -6.41 5.85 -21.39
N ILE A 97 -6.18 6.47 -20.25
CA ILE A 97 -6.96 6.13 -19.09
C ILE A 97 -8.28 6.86 -19.34
N ASP A 98 -9.40 6.21 -19.01
CA ASP A 98 -10.72 6.85 -19.13
C ASP A 98 -10.81 8.05 -18.21
N GLU A 99 -11.28 9.17 -18.75
CA GLU A 99 -11.33 10.42 -18.01
C GLU A 99 -12.16 10.41 -16.71
N LYS A 100 -13.31 9.72 -16.72
CA LYS A 100 -14.16 9.61 -15.51
C LYS A 100 -13.48 8.77 -14.41
N TRP A 101 -12.77 7.74 -14.80
CA TRP A 101 -12.11 6.92 -13.78
C TRP A 101 -10.95 7.74 -13.16
N LEU A 102 -10.15 8.39 -13.99
CA LEU A 102 -9.05 9.23 -13.46
C LEU A 102 -9.58 10.37 -12.54
N LYS A 103 -10.66 11.03 -12.96
CA LYS A 103 -11.34 12.04 -12.13
C LYS A 103 -11.76 11.49 -10.75
N ARG A 104 -12.38 10.31 -10.70
CA ARG A 104 -12.73 9.73 -9.42
C ARG A 104 -11.51 9.38 -8.53
N VAL A 105 -10.47 8.83 -9.16
CA VAL A 105 -9.26 8.47 -8.41
C VAL A 105 -8.72 9.78 -7.83
N HIS A 106 -8.74 10.82 -8.67
CA HIS A 106 -8.26 12.13 -8.21
C HIS A 106 -9.12 12.59 -7.01
N GLU A 107 -10.45 12.45 -7.07
CA GLU A 107 -11.36 12.81 -5.96
C GLU A 107 -10.98 12.07 -4.69
N VAL A 108 -10.66 10.78 -4.79
CA VAL A 108 -10.41 9.99 -3.60
C VAL A 108 -9.06 10.40 -2.98
N VAL A 109 -8.07 10.59 -3.83
CA VAL A 109 -6.75 11.03 -3.30
C VAL A 109 -6.89 12.35 -2.49
N ASP A 110 -7.76 13.24 -2.99
CA ASP A 110 -7.94 14.57 -2.39
C ASP A 110 -8.52 14.44 -0.98
N TYR A 111 -9.28 13.37 -0.71
CA TYR A 111 -9.84 13.25 0.63
C TYR A 111 -8.75 13.30 1.76
N PRO A 112 -7.76 12.39 1.76
CA PRO A 112 -6.71 12.52 2.77
C PRO A 112 -5.75 13.68 2.43
N TYR A 113 -5.49 13.89 1.14
CA TYR A 113 -4.49 14.92 0.79
C TYR A 113 -4.88 16.34 1.29
N LYS A 114 -6.13 16.70 1.04
CA LYS A 114 -6.53 18.06 1.35
C LYS A 114 -6.67 18.19 2.85
N ASN A 115 -6.63 17.07 3.55
CA ASN A 115 -6.62 17.13 5.02
C ASN A 115 -5.19 17.06 5.61
N GLY A 116 -4.15 17.21 4.76
CA GLY A 116 -2.74 17.32 5.21
C GLY A 116 -2.05 15.98 5.56
N ALA A 117 -2.70 14.86 5.26
CA ALA A 117 -2.09 13.57 5.48
C ALA A 117 -1.28 13.13 4.25
N PHE A 118 -0.48 12.08 4.43
CA PHE A 118 0.21 11.40 3.34
C PHE A 118 -0.73 10.45 2.61
N VAL A 119 -0.52 10.31 1.29
CA VAL A 119 -1.37 9.48 0.44
C VAL A 119 -0.47 8.72 -0.51
N ILE A 120 -0.65 7.42 -0.63
CA ILE A 120 0.13 6.66 -1.58
C ILE A 120 -0.84 6.18 -2.70
N LEU A 121 -0.49 6.33 -3.98
CA LEU A 121 -1.37 5.85 -5.04
C LEU A 121 -0.57 4.84 -5.82
N ASN A 122 -1.08 3.66 -6.13
CA ASN A 122 -0.29 2.66 -6.89
C ASN A 122 -1.00 2.15 -8.15
N LEU A 123 -0.45 1.10 -8.77
CA LEU A 123 -1.15 0.22 -9.74
C LEU A 123 -1.34 -1.11 -9.05
N HIS A 124 -2.59 -1.63 -8.98
CA HIS A 124 -2.86 -2.70 -8.01
C HIS A 124 -3.05 -4.08 -8.71
N HIS A 125 -4.29 -4.50 -9.02
CA HIS A 125 -4.56 -5.84 -9.53
C HIS A 125 -4.47 -5.80 -11.05
N GLU A 126 -3.30 -5.43 -11.57
CA GLU A 126 -3.11 -5.34 -13.02
C GLU A 126 -2.93 -6.71 -13.69
N THR A 127 -3.55 -6.87 -14.88
CA THR A 127 -3.57 -8.16 -15.57
C THR A 127 -2.34 -8.22 -16.47
N TRP A 128 -1.70 -7.07 -16.69
CA TRP A 128 -0.68 -6.94 -17.72
C TRP A 128 0.77 -6.77 -17.29
N ASN A 129 1.05 -6.67 -15.98
CA ASN A 129 2.40 -6.43 -15.51
C ASN A 129 3.00 -7.63 -14.74
N HIS A 130 2.66 -8.85 -15.13
CA HIS A 130 3.23 -10.04 -14.48
C HIS A 130 4.69 -10.25 -14.81
N ALA A 131 5.37 -10.91 -13.88
CA ALA A 131 6.82 -10.99 -13.91
C ALA A 131 7.31 -12.07 -14.86
N PHE A 132 6.83 -12.00 -16.10
CA PHE A 132 7.23 -12.98 -17.11
C PHE A 132 8.11 -12.40 -18.20
N SER A 133 8.98 -13.20 -18.80
CA SER A 133 9.86 -12.76 -19.92
C SER A 133 9.11 -12.37 -21.17
N GLU A 134 8.29 -13.30 -21.64
CA GLU A 134 7.71 -13.14 -22.98
C GLU A 134 6.57 -12.12 -23.03
N THR A 135 6.33 -11.48 -21.89
CA THR A 135 5.27 -10.51 -21.67
C THR A 135 5.83 -9.10 -21.36
N LEU A 136 7.14 -9.05 -21.07
CA LEU A 136 7.74 -7.87 -20.44
C LEU A 136 7.79 -6.61 -21.34
N ASP A 137 8.07 -6.77 -22.63
CA ASP A 137 8.15 -5.63 -23.54
C ASP A 137 6.85 -4.82 -23.52
N THR A 138 5.72 -5.51 -23.70
CA THR A 138 4.42 -4.86 -23.61
C THR A 138 4.21 -4.22 -22.25
N ALA A 139 4.55 -4.97 -21.19
CA ALA A 139 4.37 -4.45 -19.86
C ALA A 139 5.16 -3.12 -19.61
N LYS A 140 6.42 -3.06 -20.04
CA LYS A 140 7.15 -1.79 -19.94
C LYS A 140 6.53 -0.64 -20.73
N GLU A 141 5.99 -0.95 -21.91
CA GLU A 141 5.31 0.04 -22.77
C GLU A 141 4.06 0.59 -22.07
N ILE A 142 3.21 -0.32 -21.56
CA ILE A 142 2.03 0.11 -20.81
C ILE A 142 2.44 0.90 -19.58
N LEU A 143 3.43 0.39 -18.85
CA LEU A 143 3.86 1.07 -17.62
C LEU A 143 4.19 2.53 -17.90
N GLU A 144 5.02 2.71 -18.92
CA GLU A 144 5.42 4.04 -19.28
C GLU A 144 4.22 4.94 -19.57
N LYS A 145 3.26 4.43 -20.35
CA LYS A 145 2.12 5.26 -20.78
C LYS A 145 1.19 5.60 -19.64
N ILE A 146 0.93 4.60 -18.77
CA ILE A 146 0.04 4.78 -17.65
C ILE A 146 0.64 5.74 -16.61
N TRP A 147 1.90 5.50 -16.23
CA TRP A 147 2.56 6.36 -15.25
C TRP A 147 2.77 7.78 -15.78
N SER A 148 3.02 7.93 -17.08
CA SER A 148 3.00 9.30 -17.58
C SER A 148 1.71 10.11 -17.35
N GLN A 149 0.58 9.43 -17.54
CA GLN A 149 -0.71 10.09 -17.39
C GLN A 149 -0.96 10.44 -15.93
N ILE A 150 -0.68 9.48 -15.03
CA ILE A 150 -0.92 9.74 -13.63
C ILE A 150 0.03 10.84 -13.12
N ALA A 151 1.33 10.77 -13.47
CA ALA A 151 2.26 11.82 -13.10
C ALA A 151 1.75 13.18 -13.66
N GLU A 152 1.24 13.20 -14.89
CA GLU A 152 0.76 14.47 -15.45
C GLU A 152 -0.43 14.97 -14.61
N GLU A 153 -1.36 14.07 -14.27
CA GLU A 153 -2.59 14.47 -13.59
C GLU A 153 -2.30 15.13 -12.24
N PHE A 154 -1.32 14.61 -11.51
CA PHE A 154 -1.07 15.08 -10.17
C PHE A 154 0.23 15.87 -10.03
N LYS A 155 0.76 16.46 -11.11
CA LYS A 155 2.17 16.90 -11.08
C LYS A 155 2.36 18.02 -10.07
N ASP A 156 1.28 18.72 -9.77
CA ASP A 156 1.26 19.86 -8.87
C ASP A 156 1.09 19.56 -7.38
N TYR A 157 0.82 18.29 -7.05
CA TYR A 157 0.77 17.78 -5.70
C TYR A 157 2.14 17.78 -4.99
N ASP A 158 2.10 18.12 -3.70
CA ASP A 158 3.37 18.20 -2.93
C ASP A 158 3.89 16.84 -2.48
N GLU A 159 4.84 16.85 -1.53
CA GLU A 159 5.53 15.62 -1.15
C GLU A 159 4.64 14.61 -0.41
N HIS A 160 3.48 15.05 0.09
CA HIS A 160 2.55 14.16 0.77
C HIS A 160 1.90 13.11 -0.18
N LEU A 161 1.99 13.32 -1.48
CA LEU A 161 1.44 12.31 -2.41
C LEU A 161 2.59 11.49 -2.98
N ILE A 162 2.62 10.21 -2.64
CA ILE A 162 3.71 9.30 -3.02
C ILE A 162 3.17 8.33 -4.07
N PHE A 163 3.98 7.98 -5.07
CA PHE A 163 3.54 6.99 -6.08
C PHE A 163 4.23 5.67 -5.75
N GLU A 164 3.51 4.56 -5.87
CA GLU A 164 4.04 3.21 -5.60
C GLU A 164 3.81 2.52 -6.93
N GLY A 165 4.90 2.21 -7.61
CA GLY A 165 4.87 1.89 -9.05
C GLY A 165 4.15 0.60 -9.44
N LEU A 166 4.21 -0.39 -8.56
CA LEU A 166 3.62 -1.69 -8.84
C LEU A 166 3.27 -2.25 -7.46
N ASN A 167 2.38 -3.24 -7.45
CA ASN A 167 1.88 -3.75 -6.20
C ASN A 167 2.66 -5.01 -5.84
N GLU A 168 2.21 -6.17 -6.33
CA GLU A 168 2.91 -7.42 -6.05
C GLU A 168 3.27 -8.15 -7.33
N PRO A 169 4.16 -7.56 -8.15
CA PRO A 169 4.44 -8.16 -9.43
C PRO A 169 5.19 -9.48 -9.23
N ARG A 170 4.73 -10.49 -9.94
CA ARG A 170 5.16 -11.89 -9.64
C ARG A 170 4.81 -12.89 -10.78
N LYS A 171 5.25 -14.16 -10.67
CA LYS A 171 4.83 -15.17 -11.68
C LYS A 171 3.53 -15.86 -11.30
N ASN A 172 2.43 -15.17 -11.63
CA ASN A 172 1.09 -15.72 -11.33
C ASN A 172 0.97 -17.20 -11.64
N ASP A 173 0.31 -17.97 -10.77
CA ASP A 173 0.01 -19.41 -11.03
C ASP A 173 1.16 -20.32 -11.44
N THR A 174 2.35 -20.06 -10.90
CA THR A 174 3.48 -20.98 -10.96
C THR A 174 3.92 -21.33 -9.53
N PRO A 175 4.77 -22.37 -9.39
CA PRO A 175 5.22 -22.78 -8.05
C PRO A 175 6.02 -21.69 -7.33
N VAL A 176 6.53 -20.70 -8.07
CA VAL A 176 7.35 -19.65 -7.46
C VAL A 176 6.59 -18.33 -7.27
N GLU A 177 5.26 -18.37 -7.44
CA GLU A 177 4.42 -17.17 -7.26
C GLU A 177 4.63 -16.44 -5.94
N TRP A 178 4.63 -17.23 -4.86
CA TRP A 178 4.60 -16.70 -3.48
C TRP A 178 5.83 -17.18 -2.69
N THR A 179 6.78 -17.87 -3.29
CA THR A 179 7.95 -18.30 -2.53
C THR A 179 9.13 -17.35 -2.72
N GLY A 180 8.91 -16.28 -3.45
CA GLY A 180 9.97 -15.32 -3.66
C GLY A 180 10.55 -15.31 -5.06
N GLY A 181 10.03 -16.14 -5.95
CA GLY A 181 10.36 -15.95 -7.39
C GLY A 181 11.54 -16.74 -7.92
N ASP A 182 12.09 -16.32 -9.06
CA ASP A 182 13.20 -17.01 -9.71
C ASP A 182 13.81 -15.97 -10.65
N GLN A 183 14.87 -16.33 -11.36
CA GLN A 183 15.66 -15.31 -12.03
C GLN A 183 14.83 -14.50 -13.02
N GLU A 184 13.96 -15.19 -13.75
CA GLU A 184 13.07 -14.57 -14.72
C GLU A 184 12.19 -13.53 -14.06
N GLY A 185 11.56 -13.93 -12.95
CA GLY A 185 10.74 -12.97 -12.19
C GLY A 185 11.53 -11.81 -11.61
N TRP A 186 12.68 -12.07 -10.98
CA TRP A 186 13.52 -10.99 -10.44
C TRP A 186 13.92 -10.00 -11.51
N ASP A 187 14.41 -10.54 -12.63
CA ASP A 187 14.82 -9.65 -13.72
C ASP A 187 13.65 -8.75 -14.17
N ALA A 188 12.46 -9.35 -14.21
CA ALA A 188 11.32 -8.64 -14.78
C ALA A 188 10.85 -7.51 -13.87
N VAL A 189 10.73 -7.83 -12.57
CA VAL A 189 10.37 -6.85 -11.57
C VAL A 189 11.42 -5.71 -11.53
N ASN A 190 12.73 -6.01 -11.52
CA ASN A 190 13.72 -4.92 -11.62
C ASN A 190 13.59 -4.05 -12.87
N ALA A 191 13.35 -4.67 -14.03
CA ALA A 191 13.21 -3.88 -15.25
C ALA A 191 11.98 -3.01 -15.14
N MET A 192 10.85 -3.56 -14.69
CA MET A 192 9.67 -2.74 -14.55
C MET A 192 9.81 -1.59 -13.55
N ASN A 193 10.42 -1.82 -12.38
CA ASN A 193 10.67 -0.74 -11.41
C ASN A 193 11.46 0.44 -11.99
N ALA A 194 12.52 0.12 -12.71
CA ALA A 194 13.38 1.18 -13.30
C ALA A 194 12.59 2.00 -14.32
N VAL A 195 11.65 1.36 -15.00
CA VAL A 195 10.83 2.10 -15.97
C VAL A 195 9.92 3.10 -15.24
N PHE A 196 9.24 2.61 -14.22
CA PHE A 196 8.39 3.43 -13.37
C PHE A 196 9.20 4.63 -12.89
N LEU A 197 10.38 4.35 -12.35
CA LEU A 197 11.18 5.42 -11.75
C LEU A 197 11.62 6.48 -12.76
N LYS A 198 12.17 6.00 -13.87
CA LYS A 198 12.51 6.91 -14.98
C LYS A 198 11.32 7.75 -15.44
N THR A 199 10.16 7.12 -15.61
CA THR A 199 8.96 7.79 -16.13
C THR A 199 8.52 8.92 -15.19
N VAL A 200 8.44 8.67 -13.89
CA VAL A 200 8.04 9.76 -13.00
C VAL A 200 9.08 10.91 -12.84
N ARG A 201 10.35 10.54 -12.67
CA ARG A 201 11.43 11.51 -12.41
C ARG A 201 11.53 12.51 -13.56
N SER A 202 11.10 12.09 -14.74
CA SER A 202 11.16 13.03 -15.85
C SER A 202 9.84 13.66 -16.27
N ALA A 203 8.80 13.48 -15.46
CA ALA A 203 7.51 14.15 -15.71
C ALA A 203 7.56 15.59 -15.19
N GLY A 204 6.49 16.35 -15.41
CA GLY A 204 6.54 17.81 -15.23
C GLY A 204 6.33 18.15 -13.76
N GLY A 205 6.27 19.45 -13.47
CA GLY A 205 5.86 19.95 -12.16
C GLY A 205 6.68 19.41 -10.99
N ASN A 206 6.03 18.84 -9.96
CA ASN A 206 6.76 18.42 -8.73
C ASN A 206 7.32 17.02 -8.81
N ASN A 207 6.92 16.31 -9.85
CA ASN A 207 7.31 14.89 -9.98
C ASN A 207 8.81 14.58 -9.85
N PRO A 208 9.69 15.41 -10.48
CA PRO A 208 11.12 15.14 -10.22
C PRO A 208 11.50 14.94 -8.75
N LYS A 209 10.81 15.63 -7.84
CA LYS A 209 11.07 15.53 -6.40
C LYS A 209 10.02 14.74 -5.60
N ARG A 210 9.18 13.98 -6.31
CA ARG A 210 8.17 13.15 -5.68
C ARG A 210 8.78 11.89 -5.12
N HIS A 211 8.20 11.43 -4.02
CA HIS A 211 8.74 10.24 -3.37
C HIS A 211 8.08 9.03 -4.00
N LEU A 212 8.86 7.98 -4.28
CA LEU A 212 8.37 6.90 -5.11
C LEU A 212 8.68 5.57 -4.43
N MET A 213 7.67 4.69 -4.34
CA MET A 213 7.84 3.37 -3.73
C MET A 213 8.00 2.29 -4.82
N ILE A 214 8.91 1.32 -4.61
CA ILE A 214 9.04 0.20 -5.54
C ILE A 214 9.15 -1.11 -4.69
N PRO A 215 8.45 -2.18 -5.13
CA PRO A 215 8.45 -3.44 -4.38
C PRO A 215 9.55 -4.33 -4.91
N PRO A 216 10.14 -5.16 -4.04
CA PRO A 216 10.68 -6.40 -4.60
C PRO A 216 9.65 -7.32 -5.19
N TYR A 217 10.15 -8.40 -5.74
CA TYR A 217 9.27 -9.42 -6.31
C TYR A 217 8.14 -9.78 -5.36
N ALA A 218 6.89 -9.78 -5.86
CA ALA A 218 5.69 -10.02 -5.06
C ALA A 218 5.54 -9.09 -3.86
N ALA A 219 6.35 -8.00 -3.79
CA ALA A 219 6.47 -7.21 -2.55
C ALA A 219 6.72 -8.11 -1.32
N ALA A 220 7.42 -9.21 -1.53
CA ALA A 220 7.45 -10.25 -0.53
C ALA A 220 8.59 -10.03 0.46
N CYS A 221 8.28 -10.24 1.73
CA CYS A 221 9.25 -10.24 2.81
C CYS A 221 9.86 -11.66 2.83
N ASN A 222 10.83 -11.90 1.97
CA ASN A 222 11.45 -13.17 1.95
C ASN A 222 12.82 -13.09 1.29
N GLU A 223 13.72 -14.02 1.65
CA GLU A 223 15.13 -13.85 1.30
C GLU A 223 15.36 -13.81 -0.20
N ASN A 224 14.74 -14.74 -0.93
CA ASN A 224 14.80 -14.78 -2.38
C ASN A 224 14.51 -13.37 -2.96
N SER A 225 13.33 -12.84 -2.67
CA SER A 225 12.97 -11.50 -3.17
C SER A 225 13.94 -10.39 -2.79
N PHE A 226 14.20 -10.30 -1.50
CA PHE A 226 15.14 -9.29 -1.00
C PHE A 226 16.51 -9.39 -1.64
N ASN A 227 17.02 -10.60 -1.82
CA ASN A 227 18.43 -10.66 -2.23
C ASN A 227 18.59 -10.33 -3.69
N ASN A 228 17.47 -10.25 -4.39
CA ASN A 228 17.52 -10.10 -5.85
C ASN A 228 16.89 -8.80 -6.27
N PHE A 229 16.54 -7.95 -5.32
CA PHE A 229 15.88 -6.68 -5.60
C PHE A 229 16.98 -5.65 -5.81
N ILE A 230 16.83 -4.79 -6.81
CA ILE A 230 17.87 -3.81 -7.14
C ILE A 230 17.27 -2.50 -6.69
N PHE A 231 17.97 -1.82 -5.79
CA PHE A 231 17.48 -0.56 -5.27
C PHE A 231 18.37 0.57 -5.75
N PRO A 232 17.78 1.68 -6.22
CA PRO A 232 18.58 2.65 -6.93
C PRO A 232 19.60 3.41 -6.13
N GLU A 233 20.72 3.60 -6.82
CA GLU A 233 21.77 4.55 -6.48
C GLU A 233 21.42 6.03 -6.63
N ASP A 234 21.85 6.76 -5.61
CA ASP A 234 21.77 8.20 -5.57
C ASP A 234 20.42 8.71 -5.97
N ASP A 235 19.35 8.06 -5.49
CA ASP A 235 18.11 8.79 -5.49
C ASP A 235 17.67 8.74 -4.04
N ASP A 236 17.67 9.90 -3.38
CA ASP A 236 17.29 9.96 -1.95
C ASP A 236 15.76 9.99 -1.66
N LYS A 237 14.98 9.97 -2.73
CA LYS A 237 13.51 10.00 -2.65
C LYS A 237 12.85 8.72 -3.16
N VAL A 238 13.47 7.62 -2.87
CA VAL A 238 12.85 6.34 -3.26
C VAL A 238 12.79 5.52 -1.97
N ILE A 239 11.73 4.72 -1.86
CA ILE A 239 11.36 3.93 -0.68
C ILE A 239 11.05 2.50 -1.14
N ALA A 240 11.53 1.52 -0.38
CA ALA A 240 11.19 0.16 -0.72
C ALA A 240 9.78 -0.19 -0.20
N SER A 241 9.03 -0.95 -0.99
CA SER A 241 7.64 -1.23 -0.62
C SER A 241 7.57 -2.74 -0.19
N VAL A 242 7.14 -3.02 1.04
CA VAL A 242 7.12 -4.42 1.45
C VAL A 242 5.79 -4.77 2.09
N HIS A 243 5.27 -5.94 1.78
CA HIS A 243 4.00 -6.35 2.40
C HIS A 243 4.23 -7.53 3.38
N ALA A 244 3.71 -7.48 4.60
CA ALA A 244 4.12 -8.61 5.49
C ALA A 244 3.10 -8.87 6.57
N TYR A 245 2.28 -9.90 6.28
CA TYR A 245 1.24 -10.23 7.23
C TYR A 245 1.80 -11.31 8.13
N ALA A 246 2.76 -10.99 8.96
CA ALA A 246 3.44 -12.04 9.74
C ALA A 246 2.94 -11.91 11.18
N PRO A 247 2.88 -13.00 11.92
CA PRO A 247 3.13 -14.40 11.44
C PRO A 247 1.94 -14.92 10.65
N TYR A 248 2.17 -15.46 9.44
CA TYR A 248 1.14 -15.81 8.50
C TYR A 248 0.06 -16.71 9.11
N ASN A 249 0.45 -17.66 9.95
CA ASN A 249 -0.52 -18.63 10.47
C ASN A 249 -1.55 -17.87 11.33
N PHE A 250 -1.09 -16.92 12.14
CA PHE A 250 -2.01 -16.12 12.98
C PHE A 250 -2.76 -15.04 12.18
N ALA A 251 -2.07 -14.41 11.23
CA ALA A 251 -2.59 -13.18 10.67
C ALA A 251 -3.46 -13.42 9.43
N LEU A 252 -3.14 -14.43 8.62
CA LEU A 252 -3.73 -14.45 7.29
C LEU A 252 -4.14 -15.85 6.81
N ASN A 253 -3.47 -16.90 7.26
CA ASN A 253 -3.82 -18.30 6.88
C ASN A 253 -5.23 -18.70 7.26
N ASN A 254 -5.98 -19.10 6.23
CA ASN A 254 -7.30 -19.67 6.43
C ASN A 254 -7.37 -21.19 6.30
N GLY A 255 -6.25 -21.86 6.08
CA GLY A 255 -6.20 -23.36 6.04
C GLY A 255 -5.45 -23.99 7.19
N GLU A 256 -4.97 -25.20 6.98
CA GLU A 256 -4.66 -26.02 8.14
C GLU A 256 -3.72 -25.43 9.21
N GLY A 257 -2.71 -24.73 8.80
CA GLY A 257 -1.83 -24.28 9.90
C GLY A 257 -2.34 -23.06 10.68
N ALA A 258 -3.55 -22.58 10.39
CA ALA A 258 -4.06 -21.36 11.06
C ALA A 258 -4.14 -21.45 12.57
N VAL A 259 -3.88 -20.33 13.28
CA VAL A 259 -4.08 -20.26 14.71
C VAL A 259 -4.78 -18.96 15.12
N ASP A 260 -5.48 -18.95 16.26
CA ASP A 260 -6.07 -17.69 16.68
C ASP A 260 -5.39 -17.05 17.86
N LYS A 261 -4.20 -17.56 18.18
CA LYS A 261 -3.50 -17.11 19.40
C LYS A 261 -2.16 -16.65 18.90
N PHE A 262 -1.74 -15.52 19.45
CA PHE A 262 -0.44 -14.98 19.17
C PHE A 262 0.43 -15.64 20.26
N ASP A 263 1.15 -16.69 19.89
CA ASP A 263 1.94 -17.50 20.86
C ASP A 263 3.45 -17.23 20.71
N ALA A 264 4.27 -18.07 21.35
CA ALA A 264 5.67 -17.70 21.47
C ALA A 264 6.24 -18.05 20.10
N ALA A 265 5.71 -19.02 19.37
CA ALA A 265 6.22 -19.24 18.04
C ALA A 265 5.82 -18.17 16.98
N GLY A 266 4.60 -17.64 17.10
CA GLY A 266 4.20 -16.54 16.19
C GLY A 266 5.12 -15.34 16.48
N LYS A 267 5.35 -15.05 17.75
CA LYS A 267 6.26 -13.99 18.08
C LYS A 267 7.64 -14.13 17.40
N ARG A 268 8.25 -15.31 17.52
CA ARG A 268 9.55 -15.60 16.88
C ARG A 268 9.51 -15.53 15.39
N ASP A 269 8.41 -15.99 14.78
CA ASP A 269 8.29 -15.89 13.34
C ASP A 269 8.25 -14.39 12.96
N LEU A 270 7.46 -13.59 13.69
CA LEU A 270 7.40 -12.15 13.34
C LEU A 270 8.78 -11.47 13.52
N GLU A 271 9.47 -11.76 14.62
CA GLU A 271 10.84 -11.25 14.83
C GLU A 271 11.76 -11.62 13.65
N TRP A 272 11.72 -12.87 13.21
CA TRP A 272 12.52 -13.28 12.09
C TRP A 272 12.23 -12.43 10.85
N ASN A 273 10.95 -12.22 10.54
CA ASN A 273 10.60 -11.40 9.42
C ASN A 273 11.09 -9.92 9.57
N ILE A 274 10.91 -9.40 10.77
CA ILE A 274 11.34 -8.01 11.10
C ILE A 274 12.83 -7.98 10.90
N ASN A 275 13.55 -9.00 11.38
CA ASN A 275 15.00 -9.03 11.17
C ASN A 275 15.42 -9.04 9.70
N LEU A 276 14.68 -9.75 8.87
CA LEU A 276 15.00 -9.72 7.44
C LEU A 276 14.85 -8.31 6.87
N MET A 277 13.78 -7.58 7.22
CA MET A 277 13.64 -6.22 6.72
C MET A 277 14.74 -5.32 7.26
N LYS A 278 15.13 -5.56 8.50
CA LYS A 278 16.09 -4.71 9.17
C LYS A 278 17.43 -4.88 8.46
N LYS A 279 17.79 -6.13 8.27
CA LYS A 279 19.04 -6.43 7.57
C LYS A 279 19.10 -5.98 6.10
N ARG A 280 18.03 -6.17 5.36
CA ARG A 280 18.04 -5.70 3.97
C ARG A 280 17.92 -4.21 3.71
N PHE A 281 17.14 -3.51 4.55
CA PHE A 281 16.79 -2.09 4.29
C PHE A 281 17.33 -1.16 5.35
N VAL A 282 16.85 -1.25 6.58
CA VAL A 282 17.24 -0.31 7.66
C VAL A 282 18.77 -0.34 7.80
N ASP A 283 19.40 -1.54 7.83
CA ASP A 283 20.85 -1.61 8.04
C ASP A 283 21.62 -1.17 6.81
N GLN A 284 20.95 -1.09 5.67
CA GLN A 284 21.64 -0.67 4.44
C GLN A 284 21.33 0.76 4.07
N GLY A 285 20.68 1.48 4.99
CA GLY A 285 20.37 2.92 4.85
C GLY A 285 19.36 3.07 3.73
N ILE A 286 18.47 2.10 3.61
CA ILE A 286 17.38 2.19 2.61
C ILE A 286 16.02 2.43 3.31
N PRO A 287 15.35 3.54 3.01
CA PRO A 287 13.98 3.72 3.58
C PRO A 287 12.98 2.69 3.07
N MET A 288 12.09 2.22 3.92
CA MET A 288 11.11 1.21 3.57
C MET A 288 9.80 1.49 4.22
N ILE A 289 8.67 1.11 3.59
CA ILE A 289 7.41 1.27 4.25
C ILE A 289 6.77 -0.10 4.02
N LEU A 290 6.19 -0.57 5.10
CA LEU A 290 5.35 -1.77 5.02
C LEU A 290 3.97 -1.36 4.57
N GLY A 291 3.72 -1.47 3.27
CA GLY A 291 2.52 -0.85 2.68
C GLY A 291 1.26 -1.66 3.01
N GLU A 292 1.39 -2.92 3.40
CA GLU A 292 0.26 -3.78 3.83
C GLU A 292 0.66 -4.67 4.98
N TYR A 293 -0.20 -4.79 5.97
CA TYR A 293 -0.11 -5.86 6.98
C TYR A 293 -1.43 -5.89 7.70
N GLY A 294 -1.64 -6.89 8.57
CA GLY A 294 -2.94 -6.88 9.26
C GLY A 294 -3.07 -8.27 9.83
N ALA A 295 -4.05 -8.45 10.72
CA ALA A 295 -4.34 -9.82 11.18
C ALA A 295 -5.85 -9.90 11.13
N MET A 296 -6.37 -10.98 10.60
CA MET A 296 -7.80 -11.09 10.45
C MET A 296 -8.46 -11.28 11.78
N ASN A 297 -9.71 -10.82 11.81
CA ASN A 297 -10.50 -11.12 12.97
C ASN A 297 -10.87 -12.60 13.10
N ARG A 298 -10.51 -13.21 14.23
CA ARG A 298 -10.89 -14.61 14.45
C ARG A 298 -11.52 -14.58 15.84
N ASP A 299 -12.21 -13.48 16.15
CA ASP A 299 -12.88 -13.28 17.42
C ASP A 299 -11.87 -13.41 18.55
N ASN A 300 -10.78 -12.69 18.40
CA ASN A 300 -9.62 -12.91 19.25
C ASN A 300 -9.01 -11.52 19.50
N GLU A 301 -9.88 -10.57 19.81
CA GLU A 301 -9.43 -9.17 19.95
C GLU A 301 -8.22 -8.99 20.86
N GLU A 302 -8.13 -9.70 21.97
CA GLU A 302 -7.03 -9.44 22.89
C GLU A 302 -5.71 -9.94 22.34
N ASP A 303 -5.77 -11.08 21.65
CA ASP A 303 -4.57 -11.61 21.00
C ASP A 303 -4.23 -10.67 19.86
N ARG A 304 -5.20 -10.18 19.06
CA ARG A 304 -4.80 -9.28 18.00
C ARG A 304 -4.25 -7.95 18.54
N ALA A 305 -4.83 -7.49 19.65
CA ALA A 305 -4.25 -6.25 20.26
C ALA A 305 -2.80 -6.46 20.71
N THR A 306 -2.50 -7.66 21.27
CA THR A 306 -1.16 -7.83 21.78
C THR A 306 -0.19 -7.86 20.61
N TRP A 307 -0.56 -8.67 19.61
CA TRP A 307 0.19 -8.72 18.36
C TRP A 307 0.39 -7.34 17.76
N ALA A 308 -0.68 -6.55 17.63
CA ALA A 308 -0.50 -5.30 16.86
C ALA A 308 0.44 -4.39 17.64
N GLU A 309 0.35 -4.41 18.96
CA GLU A 309 1.22 -3.48 19.72
C GLU A 309 2.67 -3.95 19.53
N PHE A 310 2.84 -5.29 19.57
CA PHE A 310 4.20 -5.85 19.45
C PHE A 310 4.81 -5.52 18.09
N TYR A 311 4.11 -5.79 17.00
CA TYR A 311 4.63 -5.52 15.65
C TYR A 311 4.91 -4.00 15.50
N MET A 312 3.97 -3.19 15.97
CA MET A 312 4.17 -1.68 15.86
C MET A 312 5.41 -1.30 16.65
N GLU A 313 5.52 -1.81 17.90
CA GLU A 313 6.66 -1.36 18.68
C GLU A 313 7.95 -1.83 18.05
N LYS A 314 7.98 -3.05 17.48
CA LYS A 314 9.14 -3.55 16.71
C LYS A 314 9.48 -2.78 15.45
N VAL A 315 8.52 -2.36 14.64
CA VAL A 315 8.89 -1.60 13.44
C VAL A 315 9.15 -0.15 13.82
N THR A 316 8.47 0.35 14.85
CA THR A 316 8.79 1.74 15.32
C THR A 316 10.21 1.81 15.87
N ALA A 317 10.59 0.81 16.67
CA ALA A 317 11.95 0.72 17.22
C ALA A 317 12.98 0.77 16.08
N MET A 318 12.58 0.56 14.82
CA MET A 318 13.49 0.68 13.72
C MET A 318 13.10 1.70 12.67
N GLY A 319 12.21 2.67 12.97
CA GLY A 319 12.00 3.65 11.96
C GLY A 319 11.26 3.20 10.72
N VAL A 320 10.38 2.20 10.84
CA VAL A 320 9.66 1.77 9.65
C VAL A 320 8.16 1.95 9.88
N PRO A 321 7.46 2.66 8.97
CA PRO A 321 6.00 2.81 9.23
C PRO A 321 5.23 1.64 8.65
N GLN A 322 4.02 1.34 9.13
CA GLN A 322 3.29 0.27 8.51
C GLN A 322 1.84 0.76 8.37
N ILE A 323 1.13 0.09 7.47
CA ILE A 323 -0.12 0.57 6.89
C ILE A 323 -1.07 -0.60 6.95
N TRP A 324 -2.11 -0.47 7.79
CA TRP A 324 -3.06 -1.59 7.92
C TRP A 324 -3.88 -1.84 6.67
N TRP A 325 -4.11 -3.13 6.32
CA TRP A 325 -4.93 -3.44 5.15
C TRP A 325 -6.39 -3.57 5.60
N ASP A 326 -7.27 -2.62 5.22
CA ASP A 326 -8.63 -2.63 5.70
C ASP A 326 -9.53 -2.87 4.45
N ASN A 327 -10.04 -4.08 4.29
CA ASN A 327 -10.90 -4.35 3.14
C ASN A 327 -12.37 -4.11 3.41
N GLY A 328 -12.74 -3.63 4.60
CA GLY A 328 -14.18 -3.34 4.88
C GLY A 328 -14.87 -4.66 5.21
N VAL A 329 -14.16 -5.76 5.52
CA VAL A 329 -14.88 -7.07 5.61
C VAL A 329 -14.85 -7.49 7.09
N PHE A 330 -16.00 -7.65 7.73
CA PHE A 330 -15.96 -7.98 9.17
C PHE A 330 -16.53 -9.38 9.51
N GLU A 331 -17.41 -9.84 8.62
CA GLU A 331 -18.14 -11.10 8.82
C GLU A 331 -17.69 -12.19 7.84
N GLY A 332 -18.09 -13.43 8.10
CA GLY A 332 -17.90 -14.46 7.11
C GLY A 332 -16.66 -15.27 7.41
N THR A 333 -16.26 -16.06 6.43
CA THR A 333 -15.09 -16.91 6.52
C THR A 333 -14.39 -16.32 5.31
N GLY A 334 -13.08 -16.33 5.20
CA GLY A 334 -12.56 -15.29 4.29
C GLY A 334 -11.90 -14.16 5.07
N GLU A 335 -11.37 -13.15 4.40
CA GLU A 335 -10.41 -12.32 5.10
C GLU A 335 -11.02 -11.10 5.85
N ARG A 336 -11.26 -11.23 7.14
CA ARG A 336 -11.92 -10.22 7.90
C ARG A 336 -10.86 -9.23 8.40
N PHE A 337 -10.53 -8.27 7.54
CA PHE A 337 -9.56 -7.24 7.91
C PHE A 337 -10.16 -5.89 8.25
N GLY A 338 -11.48 -5.80 8.28
CA GLY A 338 -12.16 -4.54 8.60
C GLY A 338 -11.70 -3.95 9.94
N LEU A 339 -11.53 -2.64 9.94
CA LEU A 339 -11.29 -1.91 11.18
C LEU A 339 -12.23 -0.69 11.28
N LEU A 340 -12.40 0.06 10.20
CA LEU A 340 -13.34 1.18 10.21
C LEU A 340 -14.68 0.72 9.65
N ASP A 341 -15.76 0.98 10.38
CA ASP A 341 -17.11 0.79 9.77
C ASP A 341 -17.38 2.01 8.91
N ARG A 342 -17.31 1.84 7.59
CA ARG A 342 -17.32 3.00 6.68
C ARG A 342 -18.71 3.65 6.54
N LYS A 343 -19.73 2.86 6.83
CA LYS A 343 -21.14 3.34 6.75
C LYS A 343 -21.48 4.11 8.02
N ASN A 344 -21.22 3.53 9.21
CA ASN A 344 -21.46 4.26 10.47
C ASN A 344 -20.36 5.19 10.95
N LEU A 345 -19.18 5.11 10.34
CA LEU A 345 -18.09 6.00 10.68
C LEU A 345 -17.55 5.76 12.10
N LYS A 346 -17.36 4.48 12.42
CA LYS A 346 -16.92 4.01 13.74
C LYS A 346 -15.70 3.05 13.66
N ILE A 347 -14.78 3.20 14.61
CA ILE A 347 -13.75 2.17 14.84
C ILE A 347 -14.38 0.96 15.50
N VAL A 348 -14.37 -0.18 14.81
CA VAL A 348 -14.97 -1.38 15.33
C VAL A 348 -14.13 -2.12 16.38
N TYR A 349 -12.81 -2.05 16.27
CA TYR A 349 -11.88 -2.72 17.18
C TYR A 349 -10.99 -1.66 17.88
N PRO A 350 -11.56 -0.92 18.87
CA PRO A 350 -10.74 0.17 19.40
C PRO A 350 -9.48 -0.36 20.08
N THR A 351 -9.50 -1.54 20.70
CA THR A 351 -8.25 -2.03 21.28
C THR A 351 -7.13 -2.17 20.23
N ILE A 352 -7.44 -2.42 18.95
CA ILE A 352 -6.39 -2.48 17.94
C ILE A 352 -5.80 -1.10 17.65
N VAL A 353 -6.67 -0.14 17.39
CA VAL A 353 -6.20 1.24 17.25
C VAL A 353 -5.44 1.72 18.49
N ALA A 354 -5.86 1.44 19.72
CA ALA A 354 -5.03 1.83 20.89
C ALA A 354 -3.61 1.20 20.88
N ALA A 355 -3.56 -0.04 20.42
CA ALA A 355 -2.31 -0.82 20.33
C ALA A 355 -1.42 -0.19 19.27
N LEU A 356 -1.99 0.25 18.15
CA LEU A 356 -1.16 0.95 17.17
C LEU A 356 -0.66 2.33 17.74
N GLN A 357 -1.53 3.10 18.38
CA GLN A 357 -1.06 4.41 18.93
C GLN A 357 0.05 4.14 19.97
N LYS A 358 -0.22 3.19 20.85
CA LYS A 358 0.66 2.93 21.97
C LYS A 358 2.02 2.46 21.45
N GLY A 359 1.99 1.49 20.54
CA GLY A 359 3.23 0.88 20.03
C GLY A 359 4.07 1.84 19.21
N ARG A 360 3.39 2.81 18.61
CA ARG A 360 4.05 3.91 17.87
C ARG A 360 4.76 4.93 18.81
N GLY A 361 4.44 4.89 20.10
CA GLY A 361 4.96 5.89 21.07
C GLY A 361 4.07 7.11 21.22
N LEU A 362 2.85 7.05 20.71
CA LEU A 362 1.89 8.15 20.75
C LEU A 362 1.02 8.09 22.02
N GLU A 363 0.29 9.16 22.43
CA GLU A 363 -0.76 9.08 23.48
C GLU A 363 -1.95 8.27 22.96
N VAL A 364 -2.52 7.42 23.81
CA VAL A 364 -3.55 6.49 23.40
C VAL A 364 -4.84 7.31 23.54
N ASN A 365 -5.64 7.37 22.47
CA ASN A 365 -6.90 8.14 22.43
C ASN A 365 -7.64 7.73 21.16
N VAL A 366 -8.58 6.81 21.35
CA VAL A 366 -9.32 6.21 20.26
C VAL A 366 -10.63 7.01 20.21
N VAL A 367 -10.89 7.60 19.06
CA VAL A 367 -12.03 8.52 18.88
C VAL A 367 -12.95 7.78 17.92
N HIS A 368 -14.25 7.95 18.12
CA HIS A 368 -15.32 7.28 17.36
C HIS A 368 -15.39 5.76 17.52
N ALA A 369 -15.13 5.25 18.71
CA ALA A 369 -15.28 3.83 18.96
C ALA A 369 -16.75 3.43 18.92
N ILE A 370 -17.01 2.25 18.34
CA ILE A 370 -18.30 1.56 18.48
C ILE A 370 -18.57 1.47 19.98
N GLU A 371 -19.82 1.31 20.38
CA GLU A 371 -20.09 1.13 21.81
C GLU A 371 -20.96 -0.10 22.03
N LYS A 372 -20.34 -1.19 22.47
CA LYS A 372 -20.91 -2.54 22.39
C LYS A 372 -21.68 -3.03 23.63
#